data_3H80
#
_entry.id   3H80
#
_cell.length_a   122.431
_cell.length_b   43.197
_cell.length_c   50.502
_cell.angle_alpha   90.00
_cell.angle_beta   90.00
_cell.angle_gamma   90.00
#
_symmetry.space_group_name_H-M   'P 21 21 2'
#
loop_
_entity.id
_entity.type
_entity.pdbx_description
1 polymer 'Heat shock protein 83-1'
2 non-polymer 'MAGNESIUM ION'
3 non-polymer 1,2-ETHANEDIOL
4 non-polymer 'PHOSPHOAMINOPHOSPHONIC ACID-ADENYLATE ESTER'
5 water water
#
_entity_poly.entity_id   1
_entity_poly.type   'polypeptide(L)'
_entity_poly.pdbx_seq_one_letter_code
;MHHHHHHSSGRENLYFQGMTETFAFQAEINQLMSLIINTFYSNKEIFLRELISNASDACDKIRYQSLTDPSVLGESPRLC
IRVVPDKENKTLTVEDNGIGMTKADLVNNLGTIARSGTKAFMEALEAGGDMSMIGQFGVGFYSAYLVADRVTVTSKNNSD
ESYVWESSAGGTFTITSTPESDMKRGTRITLHLKEDQMEYLEPRRLKELIKKHSEFIGYDIELMVEKTTEK
;
_entity_poly.pdbx_strand_id   A
#
# COMPACT_ATOMS: atom_id res chain seq x y z
N ASN A 13 -21.32 -24.90 4.25
CA ASN A 13 -21.40 -23.55 4.94
C ASN A 13 -20.74 -23.53 6.34
N LEU A 14 -21.23 -24.32 7.30
CA LEU A 14 -20.52 -24.41 8.60
C LEU A 14 -19.02 -24.80 8.41
N TYR A 15 -18.72 -25.44 7.28
CA TYR A 15 -17.35 -25.91 6.96
C TYR A 15 -16.53 -24.93 6.09
N PHE A 16 -17.13 -23.83 5.73
CA PHE A 16 -16.45 -22.78 4.94
C PHE A 16 -15.24 -22.20 5.68
N GLN A 17 -14.09 -22.11 5.01
CA GLN A 17 -12.85 -21.54 5.56
C GLN A 17 -12.36 -20.25 4.90
N GLY A 18 -12.90 -19.91 3.76
CA GLY A 18 -12.51 -18.64 3.13
C GLY A 18 -12.59 -18.72 1.61
N MET A 19 -12.32 -17.59 0.97
CA MET A 19 -12.51 -17.48 -0.45
C MET A 19 -11.42 -16.57 -1.03
N THR A 20 -11.03 -16.81 -2.27
CA THR A 20 -10.12 -15.95 -3.01
C THR A 20 -10.75 -15.69 -4.39
N GLU A 21 -10.90 -14.42 -4.74
CA GLU A 21 -11.34 -13.99 -6.06
C GLU A 21 -10.15 -13.40 -6.83
N THR A 22 -10.13 -13.59 -8.14
CA THR A 22 -9.04 -13.09 -9.01
C THR A 22 -9.63 -12.06 -9.97
N PHE A 23 -8.88 -10.96 -10.15
CA PHE A 23 -9.30 -9.90 -11.03
C PHE A 23 -8.16 -9.59 -12.00
N ALA A 24 -8.50 -9.25 -13.25
CA ALA A 24 -7.51 -8.64 -14.17
C ALA A 24 -7.27 -7.16 -13.78
N PHE A 25 -6.07 -6.68 -14.01
CA PHE A 25 -5.79 -5.23 -13.91
C PHE A 25 -6.32 -4.52 -15.14
N GLN A 26 -6.80 -3.30 -14.94
CA GLN A 26 -7.03 -2.40 -16.06
C GLN A 26 -5.76 -2.44 -16.95
N ALA A 27 -5.96 -2.37 -18.28
CA ALA A 27 -4.85 -2.58 -19.24
C ALA A 27 -3.63 -1.66 -19.05
N GLU A 28 -3.86 -0.36 -18.86
CA GLU A 28 -2.73 0.59 -18.69
C GLU A 28 -1.99 0.38 -17.37
N ILE A 29 -2.76 0.08 -16.32
CA ILE A 29 -2.20 -0.26 -15.02
C ILE A 29 -1.32 -1.48 -15.13
N ASN A 30 -1.79 -2.52 -15.84
CA ASN A 30 -0.93 -3.67 -16.06
C ASN A 30 0.40 -3.30 -16.74
N GLN A 31 0.30 -2.48 -17.80
CA GLN A 31 1.50 -2.01 -18.53
C GLN A 31 2.45 -1.22 -17.63
N LEU A 32 1.89 -0.32 -16.80
CA LEU A 32 2.70 0.43 -15.83
C LEU A 32 3.40 -0.46 -14.81
N MET A 33 2.69 -1.45 -14.25
CA MET A 33 3.32 -2.41 -13.32
C MET A 33 4.51 -3.17 -13.95
N SER A 34 4.33 -3.64 -15.19
CA SER A 34 5.38 -4.33 -15.93
CA SER A 34 5.38 -4.34 -15.93
C SER A 34 6.56 -3.40 -16.13
N LEU A 35 6.27 -2.17 -16.53
CA LEU A 35 7.32 -1.15 -16.64
CA LEU A 35 7.29 -1.12 -16.64
C LEU A 35 8.09 -0.96 -15.33
N ILE A 36 7.38 -0.65 -14.24
CA ILE A 36 8.02 -0.44 -12.94
C ILE A 36 8.78 -1.66 -12.40
N ILE A 37 8.19 -2.85 -12.46
CA ILE A 37 8.81 -4.04 -11.85
C ILE A 37 10.10 -4.49 -12.60
N ASN A 38 10.23 -4.09 -13.88
CA ASN A 38 11.35 -4.51 -14.74
C ASN A 38 12.44 -3.48 -14.88
N THR A 39 12.11 -2.23 -14.60
CA THR A 39 13.00 -1.09 -14.85
C THR A 39 14.23 -1.03 -13.92
N PHE A 40 15.37 -0.68 -14.51
CA PHE A 40 16.50 -0.16 -13.72
C PHE A 40 16.14 1.24 -13.26
N TYR A 41 16.51 1.60 -12.04
CA TYR A 41 16.39 2.97 -11.53
C TYR A 41 17.32 3.14 -10.34
N SER A 42 18.03 4.26 -10.30
CA SER A 42 19.10 4.45 -9.32
C SER A 42 18.61 5.02 -7.99
N ASN A 43 17.33 5.37 -7.91
CA ASN A 43 16.79 6.02 -6.70
C ASN A 43 15.52 5.34 -6.12
N LYS A 44 15.56 4.03 -5.92
CA LYS A 44 14.33 3.29 -5.64
C LYS A 44 13.69 3.57 -4.26
N GLU A 45 14.40 4.33 -3.40
CA GLU A 45 13.96 4.66 -2.02
C GLU A 45 12.66 5.44 -1.93
N ILE A 46 12.29 6.14 -3.00
CA ILE A 46 11.07 6.94 -3.04
C ILE A 46 9.77 6.10 -2.81
N PHE A 47 9.85 4.78 -2.97
CA PHE A 47 8.70 3.90 -2.68
C PHE A 47 8.24 4.16 -1.23
N LEU A 48 9.19 4.33 -0.32
CA LEU A 48 8.86 4.44 1.12
C LEU A 48 8.11 5.73 1.37
N ARG A 49 8.55 6.84 0.78
CA ARG A 49 7.78 8.09 0.86
C ARG A 49 6.33 7.96 0.37
N GLU A 50 6.15 7.22 -0.71
CA GLU A 50 4.83 7.00 -1.28
C GLU A 50 3.90 6.22 -0.30
N LEU A 51 4.44 5.18 0.33
CA LEU A 51 3.63 4.35 1.26
C LEU A 51 3.30 5.11 2.56
N ILE A 52 4.26 5.88 3.06
CA ILE A 52 4.05 6.70 4.25
C ILE A 52 3.02 7.80 3.96
N SER A 53 3.08 8.39 2.78
CA SER A 53 2.10 9.41 2.37
CA SER A 53 2.11 9.42 2.38
C SER A 53 0.69 8.84 2.35
N ASN A 54 0.54 7.62 1.82
CA ASN A 54 -0.77 7.00 1.74
C ASN A 54 -1.29 6.73 3.15
N ALA A 55 -0.41 6.27 4.04
CA ALA A 55 -0.77 5.97 5.42
C ALA A 55 -1.27 7.25 6.11
N SER A 56 -0.51 8.34 5.95
CA SER A 56 -0.87 9.63 6.53
C SER A 56 -2.20 10.14 5.97
N ASP A 57 -2.40 10.04 4.64
CA ASP A 57 -3.71 10.37 4.03
C ASP A 57 -4.90 9.59 4.66
N ALA A 58 -4.71 8.30 4.86
CA ALA A 58 -5.73 7.42 5.44
C ALA A 58 -6.05 7.81 6.90
N CYS A 59 -5.01 8.19 7.65
CA CYS A 59 -5.19 8.72 9.02
C CYS A 59 -5.95 10.06 9.00
N ASP A 60 -5.61 10.97 8.07
CA ASP A 60 -6.42 12.19 7.89
C ASP A 60 -7.87 11.89 7.72
N LYS A 61 -8.20 10.91 6.85
CA LYS A 61 -9.63 10.67 6.55
C LYS A 61 -10.43 10.23 7.78
N ILE A 62 -9.88 9.34 8.58
CA ILE A 62 -10.62 8.90 9.77
C ILE A 62 -10.60 10.02 10.83
N ARG A 63 -9.49 10.73 10.94
CA ARG A 63 -9.40 11.85 11.88
C ARG A 63 -10.51 12.87 11.65
N TYR A 64 -10.63 13.35 10.41
CA TYR A 64 -11.72 14.24 10.02
C TYR A 64 -13.12 13.69 10.30
N GLN A 65 -13.35 12.42 10.00
CA GLN A 65 -14.63 11.81 10.36
C GLN A 65 -14.87 11.85 11.87
N SER A 66 -13.86 11.51 12.64
CA SER A 66 -13.98 11.48 14.08
C SER A 66 -14.27 12.86 14.72
N LEU A 67 -14.00 13.94 13.98
CA LEU A 67 -14.29 15.28 14.48
C LEU A 67 -15.82 15.54 14.56
N THR A 68 -16.60 14.92 13.68
CA THR A 68 -18.06 14.99 13.78
C THR A 68 -18.68 13.78 14.45
N ASP A 69 -18.03 12.62 14.35
CA ASP A 69 -18.52 11.38 14.99
C ASP A 69 -17.36 10.60 15.61
N PRO A 70 -16.99 10.91 16.87
CA PRO A 70 -15.82 10.32 17.53
C PRO A 70 -15.80 8.80 17.64
N SER A 71 -16.99 8.20 17.62
CA SER A 71 -17.17 6.75 17.75
C SER A 71 -16.60 5.95 16.56
N VAL A 72 -16.38 6.60 15.41
CA VAL A 72 -15.66 5.95 14.32
C VAL A 72 -14.28 5.44 14.73
N LEU A 73 -13.69 5.98 15.80
CA LEU A 73 -12.32 5.56 16.21
C LEU A 73 -12.32 4.22 16.97
N GLY A 74 -13.50 3.81 17.44
CA GLY A 74 -13.62 2.60 18.27
C GLY A 74 -12.60 2.55 19.38
N GLU A 75 -11.87 1.44 19.43
CA GLU A 75 -10.91 1.26 20.51
CA GLU A 75 -10.89 1.15 20.46
C GLU A 75 -9.48 1.61 20.08
N SER A 76 -9.34 2.30 18.94
CA SER A 76 -8.01 2.66 18.41
C SER A 76 -7.96 4.15 18.02
N PRO A 77 -8.09 5.06 19.03
CA PRO A 77 -8.15 6.51 18.74
C PRO A 77 -6.79 7.16 18.49
N ARG A 78 -5.69 6.52 18.87
CA ARG A 78 -4.39 7.09 18.64
C ARG A 78 -3.87 6.77 17.23
N LEU A 79 -3.90 7.75 16.35
CA LEU A 79 -3.60 7.50 14.95
C LEU A 79 -2.11 7.52 14.73
N CYS A 80 -1.53 6.44 14.22
CA CYS A 80 -0.12 6.43 13.88
C CYS A 80 0.26 5.41 12.83
N ILE A 81 1.55 5.40 12.52
CA ILE A 81 2.10 4.66 11.39
C ILE A 81 3.26 3.87 11.93
N ARG A 82 3.35 2.62 11.52
CA ARG A 82 4.48 1.77 11.87
C ARG A 82 5.18 1.23 10.66
N VAL A 83 6.49 1.09 10.76
CA VAL A 83 7.32 0.54 9.71
C VAL A 83 7.98 -0.69 10.31
N VAL A 84 7.81 -1.84 9.66
CA VAL A 84 8.19 -3.11 10.24
C VAL A 84 9.01 -4.00 9.30
N PRO A 85 10.37 -3.98 9.44
CA PRO A 85 11.18 -4.93 8.70
C PRO A 85 11.13 -6.33 9.28
N ASP A 86 11.35 -7.31 8.42
CA ASP A 86 11.32 -8.69 8.81
C ASP A 86 12.38 -9.39 7.97
N LYS A 87 13.62 -9.40 8.49
CA LYS A 87 14.74 -10.11 7.88
C LYS A 87 14.52 -11.61 7.59
N GLU A 88 13.86 -12.32 8.51
CA GLU A 88 13.60 -13.72 8.29
C GLU A 88 12.79 -13.95 7.01
N ASN A 89 11.70 -13.19 6.86
CA ASN A 89 10.78 -13.36 5.75
C ASN A 89 11.11 -12.48 4.54
N LYS A 90 12.13 -11.64 4.70
CA LYS A 90 12.52 -10.64 3.70
C LYS A 90 11.32 -9.73 3.27
N THR A 91 10.61 -9.22 4.26
CA THR A 91 9.50 -8.33 4.01
C THR A 91 9.64 -7.03 4.76
N LEU A 92 9.12 -5.98 4.16
CA LEU A 92 9.03 -4.70 4.81
C LEU A 92 7.55 -4.36 4.84
N THR A 93 7.05 -3.95 6.00
CA THR A 93 5.62 -3.58 6.14
C THR A 93 5.39 -2.16 6.62
N VAL A 94 4.43 -1.45 6.01
CA VAL A 94 4.02 -0.13 6.48
C VAL A 94 2.58 -0.29 6.88
N GLU A 95 2.29 -0.07 8.16
CA GLU A 95 0.95 -0.25 8.71
C GLU A 95 0.42 1.08 9.23
N ASP A 96 -0.88 1.29 9.10
CA ASP A 96 -1.51 2.43 9.73
C ASP A 96 -2.85 1.97 10.33
N ASN A 97 -3.41 2.80 11.20
CA ASN A 97 -4.78 2.67 11.68
C ASN A 97 -5.70 3.78 11.19
N GLY A 98 -5.49 4.15 9.92
CA GLY A 98 -6.32 5.12 9.24
C GLY A 98 -7.67 4.56 8.82
N ILE A 99 -8.30 5.16 7.83
CA ILE A 99 -9.70 4.81 7.49
C ILE A 99 -9.93 3.36 6.99
N GLY A 100 -8.88 2.75 6.41
CA GLY A 100 -9.00 1.40 5.80
C GLY A 100 -9.76 1.42 4.49
N MET A 101 -9.74 0.28 3.78
CA MET A 101 -10.38 0.16 2.45
C MET A 101 -11.41 -0.98 2.45
N THR A 102 -12.63 -0.67 2.02
CA THR A 102 -13.67 -1.69 1.79
C THR A 102 -13.23 -2.62 0.68
N LYS A 103 -13.96 -3.72 0.49
CA LYS A 103 -13.70 -4.60 -0.65
C LYS A 103 -13.72 -3.80 -1.95
N ALA A 104 -14.75 -2.99 -2.11
CA ALA A 104 -14.91 -2.17 -3.32
C ALA A 104 -13.73 -1.20 -3.51
N ASP A 105 -13.26 -0.56 -2.42
CA ASP A 105 -12.09 0.33 -2.50
C ASP A 105 -10.85 -0.42 -3.01
N LEU A 106 -10.60 -1.62 -2.48
CA LEU A 106 -9.46 -2.39 -2.89
C LEU A 106 -9.52 -2.70 -4.42
N VAL A 107 -10.67 -3.16 -4.90
CA VAL A 107 -10.81 -3.55 -6.32
C VAL A 107 -10.77 -2.33 -7.25
N ASN A 108 -11.50 -1.27 -6.88
CA ASN A 108 -11.59 -0.05 -7.67
C ASN A 108 -10.29 0.76 -7.67
N ASN A 109 -9.73 0.94 -6.49
CA ASN A 109 -8.65 1.92 -6.27
C ASN A 109 -7.29 1.32 -6.43
N LEU A 110 -7.18 0.01 -6.32
CA LEU A 110 -5.91 -0.66 -6.54
C LEU A 110 -5.94 -1.66 -7.71
N GLY A 111 -6.49 -1.24 -8.85
CA GLY A 111 -6.21 -2.00 -10.05
C GLY A 111 -7.14 -1.96 -11.24
N THR A 112 -8.42 -1.71 -11.03
CA THR A 112 -9.41 -1.88 -12.12
C THR A 112 -9.92 -0.55 -12.71
N ILE A 113 -9.58 0.56 -12.08
CA ILE A 113 -9.87 1.89 -12.60
CA ILE A 113 -9.86 1.86 -12.67
C ILE A 113 -8.56 2.59 -12.98
N ALA A 114 -8.39 3.04 -14.22
CA ALA A 114 -7.22 3.90 -14.49
C ALA A 114 -7.70 5.26 -14.86
N ARG A 115 -7.03 6.26 -14.34
CA ARG A 115 -7.24 7.63 -14.76
CA ARG A 115 -7.27 7.63 -14.79
C ARG A 115 -6.20 7.95 -15.83
N SER A 116 -6.32 9.11 -16.47
CA SER A 116 -5.41 9.50 -17.56
C SER A 116 -3.96 9.61 -17.07
N GLY A 117 -3.78 9.76 -15.75
CA GLY A 117 -2.46 9.85 -15.15
C GLY A 117 -1.55 8.66 -15.45
N THR A 118 -2.15 7.47 -15.50
CA THR A 118 -1.40 6.24 -15.75
C THR A 118 -0.63 6.27 -17.08
N LYS A 119 -1.36 6.52 -18.17
CA LYS A 119 -0.80 6.63 -19.51
C LYS A 119 0.19 7.81 -19.61
N ALA A 120 -0.19 8.96 -19.08
CA ALA A 120 0.67 10.16 -19.04
C ALA A 120 2.00 9.89 -18.35
N PHE A 121 1.99 9.21 -17.19
CA PHE A 121 3.23 8.84 -16.51
C PHE A 121 4.18 8.01 -17.39
N MET A 122 3.65 7.00 -18.07
CA MET A 122 4.49 6.21 -18.96
C MET A 122 5.03 7.08 -20.12
N GLU A 123 4.17 7.89 -20.71
CA GLU A 123 4.63 8.86 -21.73
C GLU A 123 5.71 9.83 -21.20
N ALA A 124 5.54 10.28 -19.96
CA ALA A 124 6.53 11.13 -19.28
C ALA A 124 7.87 10.42 -19.12
N LEU A 125 7.87 9.15 -18.72
CA LEU A 125 9.11 8.37 -18.55
C LEU A 125 9.80 8.07 -19.88
N GLU A 126 8.99 7.74 -20.89
CA GLU A 126 9.48 7.54 -22.26
C GLU A 126 10.15 8.78 -22.84
N ALA A 127 9.88 9.94 -22.24
CA ALA A 127 10.39 11.22 -22.70
C ALA A 127 11.55 11.68 -21.82
N GLY A 128 12.06 10.78 -20.98
CA GLY A 128 13.09 11.15 -20.00
C GLY A 128 12.65 11.96 -18.78
N GLY A 129 11.39 11.78 -18.36
CA GLY A 129 10.94 12.29 -17.07
C GLY A 129 11.39 11.34 -15.96
N ASP A 130 11.12 11.73 -14.73
CA ASP A 130 11.66 11.06 -13.55
C ASP A 130 10.67 10.11 -12.88
N MET A 131 11.13 8.89 -12.55
CA MET A 131 10.32 7.92 -11.81
C MET A 131 9.82 8.50 -10.49
N SER A 132 10.65 9.33 -9.86
CA SER A 132 10.24 10.03 -8.65
C SER A 132 9.05 10.98 -8.84
N MET A 133 8.58 11.16 -10.06
CA MET A 133 7.38 11.99 -10.33
C MET A 133 6.08 11.16 -10.12
N ILE A 134 6.23 9.87 -9.83
CA ILE A 134 5.10 8.93 -9.84
C ILE A 134 3.90 9.43 -9.05
N GLY A 135 4.15 10.06 -7.90
CA GLY A 135 3.08 10.60 -7.05
C GLY A 135 2.28 11.72 -7.68
N GLN A 136 2.94 12.50 -8.54
CA GLN A 136 2.26 13.59 -9.25
C GLN A 136 1.28 13.09 -10.32
N PHE A 137 1.42 11.83 -10.74
CA PHE A 137 0.53 11.22 -11.74
C PHE A 137 -0.63 10.34 -11.17
N GLY A 138 -0.77 10.28 -9.86
CA GLY A 138 -1.88 9.56 -9.28
C GLY A 138 -1.68 8.06 -9.18
N VAL A 139 -0.43 7.58 -9.34
CA VAL A 139 -0.10 6.15 -9.27
C VAL A 139 1.01 5.83 -8.26
N GLY A 140 1.14 6.64 -7.22
CA GLY A 140 2.22 6.45 -6.22
C GLY A 140 2.38 5.05 -5.64
N PHE A 141 1.27 4.38 -5.35
CA PHE A 141 1.29 3.04 -4.72
C PHE A 141 2.17 2.05 -5.48
N TYR A 142 2.14 2.11 -6.81
CA TYR A 142 2.83 1.12 -7.65
C TYR A 142 4.33 1.23 -7.60
N SER A 143 4.87 2.34 -7.07
CA SER A 143 6.32 2.44 -6.77
C SER A 143 6.91 1.27 -5.93
N ALA A 144 6.07 0.63 -5.11
CA ALA A 144 6.47 -0.54 -4.35
C ALA A 144 7.12 -1.61 -5.22
N TYR A 145 6.71 -1.71 -6.48
CA TYR A 145 7.28 -2.72 -7.40
C TYR A 145 8.71 -2.39 -7.88
N LEU A 146 9.20 -1.21 -7.51
CA LEU A 146 10.61 -0.85 -7.73
C LEU A 146 11.47 -1.79 -6.91
N VAL A 147 11.05 -2.01 -5.64
CA VAL A 147 11.85 -2.77 -4.67
C VAL A 147 11.32 -4.15 -4.33
N ALA A 148 10.07 -4.42 -4.71
CA ALA A 148 9.38 -5.66 -4.32
C ALA A 148 8.86 -6.50 -5.51
N ASP A 149 8.81 -7.80 -5.34
CA ASP A 149 8.28 -8.62 -6.42
C ASP A 149 6.88 -9.17 -6.08
N ARG A 150 6.45 -8.95 -4.84
CA ARG A 150 5.05 -9.21 -4.47
C ARG A 150 4.63 -8.21 -3.38
N VAL A 151 3.38 -7.79 -3.45
CA VAL A 151 2.81 -6.87 -2.48
C VAL A 151 1.48 -7.42 -1.99
N THR A 152 1.28 -7.34 -0.68
CA THR A 152 0.07 -7.78 -0.02
C THR A 152 -0.48 -6.63 0.81
N VAL A 153 -1.73 -6.26 0.57
CA VAL A 153 -2.40 -5.19 1.28
C VAL A 153 -3.58 -5.81 2.08
N THR A 154 -3.48 -5.71 3.40
CA THR A 154 -4.51 -6.20 4.27
C THR A 154 -5.18 -4.95 4.81
N SER A 155 -6.49 -4.86 4.62
CA SER A 155 -7.21 -3.65 5.04
C SER A 155 -8.58 -3.94 5.69
N LYS A 156 -8.99 -3.10 6.63
CA LYS A 156 -10.28 -3.17 7.31
C LYS A 156 -10.85 -1.78 7.50
N ASN A 157 -12.02 -1.54 6.90
CA ASN A 157 -12.76 -0.29 6.97
C ASN A 157 -13.96 -0.53 7.89
N ASN A 158 -14.40 0.48 8.64
CA ASN A 158 -15.49 0.31 9.62
C ASN A 158 -16.78 -0.29 9.01
N SER A 159 -17.02 0.03 7.74
CA SER A 159 -18.21 -0.37 6.98
CA SER A 159 -18.24 -0.40 7.05
C SER A 159 -18.15 -1.77 6.36
N ASP A 160 -17.03 -2.49 6.52
CA ASP A 160 -16.91 -3.74 5.77
C ASP A 160 -16.05 -4.75 6.56
N GLU A 161 -15.91 -5.97 6.02
CA GLU A 161 -15.04 -7.02 6.59
CA GLU A 161 -15.05 -6.97 6.64
C GLU A 161 -13.62 -6.73 6.18
N SER A 162 -12.67 -7.45 6.75
CA SER A 162 -11.28 -7.37 6.40
CA SER A 162 -11.29 -7.32 6.36
C SER A 162 -11.01 -8.17 5.12
N TYR A 163 -10.15 -7.63 4.21
CA TYR A 163 -9.74 -8.35 2.98
C TYR A 163 -8.26 -8.25 2.77
N VAL A 164 -7.70 -9.18 2.00
CA VAL A 164 -6.31 -9.12 1.61
C VAL A 164 -6.22 -9.02 0.08
N TRP A 165 -5.56 -7.97 -0.39
CA TRP A 165 -5.27 -7.77 -1.82
C TRP A 165 -3.89 -8.30 -2.07
N GLU A 166 -3.65 -8.98 -3.17
CA GLU A 166 -2.30 -9.46 -3.43
C GLU A 166 -1.98 -9.50 -4.90
N SER A 167 -0.75 -9.09 -5.25
CA SER A 167 -0.32 -9.18 -6.65
C SER A 167 1.19 -9.29 -6.76
N SER A 168 1.64 -10.11 -7.70
CA SER A 168 3.02 -10.12 -8.12
C SER A 168 3.16 -9.52 -9.53
N ALA A 169 2.23 -8.66 -9.96
CA ALA A 169 2.31 -7.95 -11.25
C ALA A 169 2.29 -8.86 -12.49
N GLY A 170 1.58 -9.97 -12.41
CA GLY A 170 1.49 -10.88 -13.57
C GLY A 170 0.27 -10.61 -14.40
N GLY A 171 -0.41 -9.50 -14.14
CA GLY A 171 -1.59 -9.12 -14.89
C GLY A 171 -2.86 -9.26 -14.11
N THR A 172 -2.79 -9.90 -12.95
CA THR A 172 -3.98 -10.07 -12.10
C THR A 172 -3.60 -9.79 -10.64
N PHE A 173 -4.62 -9.59 -9.83
CA PHE A 173 -4.47 -9.53 -8.39
C PHE A 173 -5.57 -10.41 -7.74
N THR A 174 -5.36 -10.81 -6.50
CA THR A 174 -6.41 -11.55 -5.78
C THR A 174 -6.96 -10.76 -4.63
N ILE A 175 -8.23 -11.01 -4.30
CA ILE A 175 -8.87 -10.50 -3.07
C ILE A 175 -9.30 -11.73 -2.27
N THR A 176 -8.75 -11.87 -1.06
CA THR A 176 -8.99 -13.02 -0.15
C THR A 176 -9.76 -12.59 1.09
N SER A 177 -10.76 -13.39 1.42
CA SER A 177 -11.58 -13.19 2.61
CA SER A 177 -11.54 -13.19 2.63
C SER A 177 -11.64 -14.47 3.43
N THR A 178 -11.64 -14.33 4.75
CA THR A 178 -11.77 -15.47 5.68
C THR A 178 -12.90 -15.15 6.68
N PRO A 179 -13.68 -16.17 7.13
CA PRO A 179 -14.92 -15.78 7.82
C PRO A 179 -14.68 -15.14 9.21
N GLU A 180 -13.67 -15.62 9.94
CA GLU A 180 -13.15 -14.84 11.06
C GLU A 180 -11.93 -14.15 10.48
N SER A 181 -12.08 -12.86 10.26
CA SER A 181 -11.01 -12.05 9.73
C SER A 181 -10.65 -11.06 10.82
N ASP A 182 -9.44 -10.51 10.73
CA ASP A 182 -9.01 -9.55 11.76
C ASP A 182 -9.95 -8.32 11.85
N MET A 183 -10.02 -7.74 13.04
CA MET A 183 -11.01 -6.72 13.33
C MET A 183 -10.45 -5.29 13.43
N LYS A 184 -9.13 -5.15 13.35
CA LYS A 184 -8.45 -3.86 13.56
C LYS A 184 -8.60 -2.93 12.34
N ARG A 185 -9.28 -1.80 12.50
CA ARG A 185 -9.39 -0.79 11.44
C ARG A 185 -7.97 -0.38 10.96
N GLY A 186 -7.79 -0.26 9.64
CA GLY A 186 -6.52 0.21 9.06
C GLY A 186 -6.03 -0.61 7.88
N THR A 187 -4.75 -0.45 7.55
CA THR A 187 -4.15 -1.09 6.39
C THR A 187 -2.71 -1.47 6.67
N ARG A 188 -2.29 -2.65 6.27
CA ARG A 188 -0.89 -3.03 6.30
C ARG A 188 -0.46 -3.37 4.89
N ILE A 189 0.60 -2.73 4.39
CA ILE A 189 1.13 -2.97 3.05
C ILE A 189 2.40 -3.75 3.33
N THR A 190 2.51 -4.98 2.82
CA THR A 190 3.71 -5.77 3.00
C THR A 190 4.39 -6.07 1.69
N LEU A 191 5.67 -5.73 1.59
CA LEU A 191 6.45 -5.87 0.39
C LEU A 191 7.41 -7.05 0.53
N HIS A 192 7.34 -8.00 -0.39
CA HIS A 192 8.35 -9.05 -0.44
C HIS A 192 9.50 -8.52 -1.29
N LEU A 193 10.63 -8.23 -0.63
CA LEU A 193 11.76 -7.55 -1.26
C LEU A 193 12.49 -8.40 -2.29
N LYS A 194 12.80 -7.78 -3.44
CA LYS A 194 13.58 -8.39 -4.52
C LYS A 194 14.99 -8.70 -3.99
N GLU A 195 15.64 -9.75 -4.56
CA GLU A 195 17.03 -10.15 -4.22
C GLU A 195 18.00 -9.02 -3.84
N ASP A 196 18.06 -7.99 -4.66
CA ASP A 196 19.06 -6.94 -4.51
C ASP A 196 18.56 -5.73 -3.74
N GLN A 197 17.47 -5.90 -3.00
CA GLN A 197 16.87 -4.77 -2.27
C GLN A 197 16.81 -5.00 -0.77
N MET A 198 17.60 -5.98 -0.32
CA MET A 198 17.74 -6.32 1.10
C MET A 198 18.15 -5.16 2.03
N GLU A 199 18.65 -4.08 1.47
CA GLU A 199 19.03 -2.94 2.30
C GLU A 199 17.87 -2.23 3.04
N TYR A 200 16.63 -2.35 2.54
CA TYR A 200 15.45 -1.77 3.21
C TYR A 200 14.93 -2.62 4.39
N LEU A 201 15.67 -3.69 4.73
CA LEU A 201 15.44 -4.47 5.95
C LEU A 201 16.34 -4.01 7.10
N GLU A 202 17.22 -3.04 6.82
CA GLU A 202 18.25 -2.56 7.78
C GLU A 202 17.75 -1.36 8.53
N PRO A 203 17.68 -1.44 9.88
CA PRO A 203 17.03 -0.36 10.63
C PRO A 203 17.66 1.01 10.45
N ARG A 204 18.95 1.03 10.16
CA ARG A 204 19.71 2.27 9.97
C ARG A 204 19.31 2.98 8.67
N ARG A 205 19.27 2.22 7.58
CA ARG A 205 18.70 2.66 6.31
C ARG A 205 17.25 3.18 6.53
N LEU A 206 16.36 2.37 7.11
CA LEU A 206 14.96 2.79 7.37
C LEU A 206 14.81 4.04 8.23
N LYS A 207 15.57 4.11 9.31
CA LYS A 207 15.43 5.23 10.24
C LYS A 207 15.74 6.59 9.62
N GLU A 208 16.80 6.67 8.82
CA GLU A 208 17.11 7.90 8.07
C GLU A 208 16.08 8.18 6.98
N LEU A 209 15.64 7.13 6.29
CA LEU A 209 14.64 7.29 5.24
C LEU A 209 13.35 7.91 5.79
N ILE A 210 12.94 7.41 6.96
CA ILE A 210 11.78 7.93 7.70
C ILE A 210 12.01 9.38 8.12
N LYS A 211 13.13 9.63 8.82
CA LYS A 211 13.54 11.00 9.19
C LYS A 211 13.51 11.94 8.01
N LYS A 212 14.03 11.50 6.86
CA LYS A 212 14.01 12.29 5.62
C LYS A 212 12.62 12.81 5.20
N HIS A 213 11.56 12.06 5.52
CA HIS A 213 10.19 12.49 5.17
C HIS A 213 9.31 12.81 6.40
N SER A 214 9.76 12.37 7.58
CA SER A 214 9.04 12.58 8.85
C SER A 214 8.65 14.03 9.09
N GLU A 215 9.50 14.95 8.64
CA GLU A 215 9.28 16.40 8.70
C GLU A 215 7.92 16.84 8.10
N PHE A 216 7.48 16.12 7.06
CA PHE A 216 6.32 16.52 6.27
C PHE A 216 4.97 15.88 6.70
N ILE A 217 4.99 15.10 7.79
CA ILE A 217 3.88 14.18 8.14
C ILE A 217 3.46 14.39 9.58
N GLY A 218 2.19 14.72 9.81
CA GLY A 218 1.71 14.97 11.17
C GLY A 218 1.20 13.79 12.01
N TYR A 219 1.80 12.60 11.85
CA TYR A 219 1.50 11.44 12.68
C TYR A 219 2.82 10.81 13.05
N ASP A 220 2.87 10.23 14.24
CA ASP A 220 4.06 9.54 14.64
C ASP A 220 4.31 8.35 13.72
N ILE A 221 5.57 8.17 13.32
CA ILE A 221 5.99 7.01 12.54
C ILE A 221 7.00 6.24 13.39
N GLU A 222 6.63 5.04 13.82
CA GLU A 222 7.50 4.23 14.64
C GLU A 222 8.15 3.14 13.82
N LEU A 223 9.47 3.05 13.87
CA LEU A 223 10.20 1.91 13.32
C LEU A 223 10.30 0.79 14.36
N MET A 224 9.82 -0.40 14.00
CA MET A 224 9.89 -1.58 14.86
C MET A 224 11.14 -2.40 14.55
N VAL A 225 12.10 -2.31 15.47
CA VAL A 225 13.39 -2.98 15.40
C VAL A 225 13.21 -4.39 15.92
N GLU A 226 13.70 -5.38 15.16
CA GLU A 226 13.54 -6.80 15.55
C GLU A 226 14.46 -7.21 16.71
#